data_1XNX
#
_entry.id   1XNX
#
_cell.length_a   60.353
_cell.length_b   155.042
_cell.length_c   134.607
_cell.angle_alpha   90.00
_cell.angle_beta   90.00
_cell.angle_gamma   90.00
#
_symmetry.space_group_name_H-M   'C 2 2 21'
#
loop_
_entity.id
_entity.type
_entity.pdbx_description
1 polymer 'constitutive androstane receptor'
2 non-polymer 16,17-ANDROSTENE-3-OL
3 water water
#
_entity_poly.entity_id   1
_entity_poly.type   'polypeptide(L)'
_entity_poly.pdbx_seq_one_letter_code
;HHHHHHAEKASLQLNQQQKELVQILLGAHTRHVGPLFDQFVQFKPPAYLFMHHRPFQPRGPVLPLLTHFADINTFMVQQI
IKFTKDLPLFRSLTMEDQISLLKGAAVEILHISLNTTFCLQTENFFCGPLCYKMEDAVHAGFQYEFLESILHFHKNLKGL
HLQEPEYVLMAATALFSPDRPGVTQREEIDQLQEEMALILNNHIMEQQSRLQSRFLYAKLMGLLADLRSINNAYSYELQR
LEELSAMTPLLGEICS
;
_entity_poly.pdbx_strand_id   A,B
#
loop_
_chem_comp.id
_chem_comp.type
_chem_comp.name
_chem_comp.formula
ATE non-polymer 16,17-ANDROSTENE-3-OL 'C19 H30 O'
#
# COMPACT_ATOMS: atom_id res chain seq x y z
N LEU A 12 -9.14 15.45 26.06
CA LEU A 12 -9.10 13.99 25.77
C LEU A 12 -10.51 13.44 25.58
N GLN A 13 -11.07 13.72 24.40
CA GLN A 13 -12.42 13.32 23.99
C GLN A 13 -12.96 14.47 23.16
N LEU A 14 -13.71 14.15 22.11
CA LEU A 14 -14.27 15.17 21.23
C LEU A 14 -15.68 15.57 21.60
N ASN A 15 -15.91 16.88 21.67
CA ASN A 15 -17.23 17.39 22.00
C ASN A 15 -17.97 17.62 20.68
N GLN A 16 -19.24 17.97 20.77
CA GLN A 16 -20.05 18.21 19.57
C GLN A 16 -19.43 19.23 18.61
N GLN A 17 -18.95 20.35 19.16
CA GLN A 17 -18.33 21.39 18.36
C GLN A 17 -17.19 20.82 17.50
N GLN A 18 -16.35 20.01 18.14
CA GLN A 18 -15.20 19.41 17.47
C GLN A 18 -15.59 18.41 16.39
N LYS A 19 -16.55 17.54 16.71
CA LYS A 19 -17.00 16.54 15.75
C LYS A 19 -17.60 17.25 14.54
N GLU A 20 -18.26 18.38 14.78
CA GLU A 20 -18.85 19.15 13.70
C GLU A 20 -17.76 19.78 12.85
N LEU A 21 -16.67 20.18 13.50
CA LEU A 21 -15.54 20.79 12.78
C LEU A 21 -14.90 19.76 11.85
N VAL A 22 -14.67 18.55 12.37
CA VAL A 22 -14.05 17.52 11.57
C VAL A 22 -14.88 17.33 10.30
N GLN A 23 -16.19 17.25 10.47
CA GLN A 23 -17.08 17.04 9.34
C GLN A 23 -16.96 18.16 8.31
N ILE A 24 -16.91 19.42 8.78
CA ILE A 24 -16.78 20.55 7.89
C ILE A 24 -15.47 20.40 7.10
N LEU A 25 -14.39 20.08 7.79
CA LEU A 25 -13.09 19.87 7.14
C LEU A 25 -13.23 18.79 6.07
N LEU A 26 -13.69 17.61 6.48
CA LEU A 26 -13.89 16.51 5.54
C LEU A 26 -14.70 16.97 4.33
N GLY A 27 -15.81 17.65 4.58
CA GLY A 27 -16.64 18.11 3.49
C GLY A 27 -15.83 18.95 2.52
N ALA A 28 -15.12 19.94 3.06
CA ALA A 28 -14.31 20.82 2.24
C ALA A 28 -13.31 20.01 1.43
N HIS A 29 -12.59 19.12 2.10
CA HIS A 29 -11.59 18.28 1.45
C HIS A 29 -12.16 17.45 0.31
N THR A 30 -13.28 16.77 0.58
CA THR A 30 -13.93 15.90 -0.40
C THR A 30 -14.43 16.58 -1.69
N ARG A 31 -14.92 17.81 -1.58
CA ARG A 31 -15.42 18.52 -2.73
C ARG A 31 -14.34 18.99 -3.69
N HIS A 32 -13.30 19.59 -3.12
CA HIS A 32 -12.23 20.20 -3.90
C HIS A 32 -10.89 19.49 -4.07
N VAL A 33 -10.47 18.71 -3.07
CA VAL A 33 -9.18 18.03 -3.18
C VAL A 33 -9.30 16.57 -3.62
N GLY A 34 -10.24 15.86 -3.00
CA GLY A 34 -10.45 14.46 -3.34
C GLY A 34 -10.60 14.15 -4.81
N PRO A 35 -11.37 14.96 -5.55
CA PRO A 35 -11.59 14.76 -6.99
C PRO A 35 -10.42 15.30 -7.83
N LEU A 36 -9.57 16.10 -7.19
CA LEU A 36 -8.38 16.74 -7.79
C LEU A 36 -7.49 15.80 -8.62
N PHE A 37 -6.83 14.86 -7.95
CA PHE A 37 -5.92 13.93 -8.62
C PHE A 37 -6.39 13.28 -9.92
N ASP A 38 -7.69 13.04 -10.05
CA ASP A 38 -8.23 12.41 -11.26
C ASP A 38 -8.41 13.39 -12.43
N GLN A 39 -8.01 14.65 -12.25
CA GLN A 39 -8.16 15.63 -13.30
C GLN A 39 -6.85 15.93 -14.01
N PHE A 40 -5.76 15.38 -13.49
CA PHE A 40 -4.44 15.62 -14.06
C PHE A 40 -4.36 15.27 -15.54
N VAL A 41 -5.01 14.20 -15.94
CA VAL A 41 -4.99 13.73 -17.32
C VAL A 41 -5.49 14.81 -18.29
N GLN A 42 -6.24 15.78 -17.78
CA GLN A 42 -6.76 16.86 -18.60
C GLN A 42 -5.64 17.80 -19.04
N PHE A 43 -4.53 17.81 -18.31
CA PHE A 43 -3.41 18.69 -18.62
C PHE A 43 -2.29 18.13 -19.48
N LYS A 44 -2.66 17.64 -20.66
CA LYS A 44 -1.74 17.08 -21.64
C LYS A 44 -0.55 16.29 -21.10
N PRO A 45 -0.80 15.19 -20.38
CA PRO A 45 0.30 14.38 -19.83
C PRO A 45 1.01 13.56 -20.92
N PRO A 46 2.35 13.51 -20.86
CA PRO A 46 3.09 12.74 -21.84
C PRO A 46 2.69 11.28 -21.75
N ALA A 47 2.55 10.62 -22.91
CA ALA A 47 2.14 9.22 -23.02
C ALA A 47 2.72 8.20 -22.04
N TYR A 48 4.01 8.28 -21.72
CA TYR A 48 4.59 7.30 -20.79
C TYR A 48 4.04 7.44 -19.37
N LEU A 49 3.43 8.58 -19.06
CA LEU A 49 2.86 8.78 -17.74
C LEU A 49 1.71 7.79 -17.53
N PHE A 50 1.15 7.29 -18.63
CA PHE A 50 0.04 6.34 -18.54
C PHE A 50 0.48 4.90 -18.24
N MET A 51 1.78 4.64 -18.31
CA MET A 51 2.29 3.30 -18.07
C MET A 51 2.81 3.15 -16.64
N HIS A 52 2.44 2.06 -15.96
CA HIS A 52 2.92 1.89 -14.60
C HIS A 52 4.23 1.15 -14.59
N HIS A 53 4.43 0.30 -15.59
CA HIS A 53 5.66 -0.48 -15.69
C HIS A 53 6.43 -0.04 -16.93
N ARG A 54 7.55 0.64 -16.73
CA ARG A 54 8.34 1.13 -17.86
C ARG A 54 9.82 1.26 -17.55
N PRO A 55 10.46 0.18 -17.08
CA PRO A 55 11.89 0.20 -16.74
C PRO A 55 12.86 0.76 -17.79
N PHE A 56 12.61 0.47 -19.06
CA PHE A 56 13.51 0.91 -20.12
C PHE A 56 12.91 1.92 -21.10
N GLN A 57 11.69 2.35 -20.84
CA GLN A 57 11.02 3.29 -21.73
C GLN A 57 11.68 4.66 -21.73
N PRO A 58 11.92 5.24 -22.91
CA PRO A 58 12.56 6.55 -23.01
C PRO A 58 11.52 7.68 -22.79
N ARG A 59 11.98 8.89 -22.50
CA ARG A 59 11.06 10.02 -22.28
C ARG A 59 11.18 11.17 -23.27
N GLY A 60 12.26 11.20 -24.04
CA GLY A 60 12.41 12.27 -25.01
C GLY A 60 12.34 13.69 -24.45
N PRO A 61 11.68 14.61 -25.18
CA PRO A 61 11.51 16.02 -24.82
C PRO A 61 11.04 16.35 -23.40
N VAL A 62 11.69 17.34 -22.80
CA VAL A 62 11.35 17.76 -21.45
C VAL A 62 10.17 18.72 -21.39
N LEU A 63 10.16 19.72 -22.27
CA LEU A 63 9.10 20.73 -22.28
C LEU A 63 7.72 20.21 -21.91
N PRO A 64 7.15 19.29 -22.73
CA PRO A 64 5.82 18.79 -22.36
C PRO A 64 5.75 18.25 -20.93
N LEU A 65 6.70 17.40 -20.54
CA LEU A 65 6.70 16.87 -19.19
C LEU A 65 6.78 18.01 -18.17
N LEU A 66 7.71 18.93 -18.42
CA LEU A 66 7.89 20.06 -17.54
C LEU A 66 6.61 20.88 -17.41
N THR A 67 6.02 21.32 -18.53
CA THR A 67 4.81 22.14 -18.42
C THR A 67 3.62 21.39 -17.83
N HIS A 68 3.71 20.06 -17.79
CA HIS A 68 2.64 19.26 -17.22
C HIS A 68 2.70 19.43 -15.71
N PHE A 69 3.90 19.27 -15.17
CA PHE A 69 4.12 19.42 -13.73
C PHE A 69 3.73 20.84 -13.37
N ALA A 70 3.97 21.77 -14.29
CA ALA A 70 3.60 23.14 -14.07
C ALA A 70 2.07 23.17 -13.97
N ASP A 71 1.40 22.52 -14.92
CA ASP A 71 -0.05 22.48 -14.92
C ASP A 71 -0.66 21.91 -13.64
N ILE A 72 -0.28 20.69 -13.29
CA ILE A 72 -0.87 20.04 -12.11
C ILE A 72 -0.55 20.76 -10.82
N ASN A 73 0.57 21.47 -10.78
CA ASN A 73 0.94 22.19 -9.57
C ASN A 73 0.05 23.42 -9.37
N THR A 74 -0.28 24.10 -10.45
CA THR A 74 -1.14 25.27 -10.35
C THR A 74 -2.55 24.81 -10.00
N PHE A 75 -2.98 23.71 -10.59
CA PHE A 75 -4.31 23.20 -10.34
C PHE A 75 -4.48 22.74 -8.90
N MET A 76 -3.46 22.08 -8.34
CA MET A 76 -3.57 21.63 -6.96
C MET A 76 -3.60 22.82 -6.00
N VAL A 77 -2.81 23.85 -6.29
CA VAL A 77 -2.76 25.02 -5.44
C VAL A 77 -4.08 25.77 -5.50
N GLN A 78 -4.74 25.71 -6.66
CA GLN A 78 -6.02 26.37 -6.82
C GLN A 78 -7.07 25.67 -5.96
N GLN A 79 -7.24 24.38 -6.21
CA GLN A 79 -8.19 23.58 -5.46
C GLN A 79 -7.97 23.73 -3.97
N ILE A 80 -6.70 23.67 -3.56
CA ILE A 80 -6.36 23.80 -2.16
C ILE A 80 -6.90 25.12 -1.63
N ILE A 81 -6.73 26.20 -2.40
CA ILE A 81 -7.22 27.49 -1.96
C ILE A 81 -8.72 27.36 -1.70
N LYS A 82 -9.44 26.75 -2.65
CA LYS A 82 -10.87 26.53 -2.50
C LYS A 82 -11.09 25.81 -1.17
N PHE A 83 -10.35 24.72 -0.98
CA PHE A 83 -10.44 23.95 0.23
C PHE A 83 -10.51 24.86 1.45
N THR A 84 -9.49 25.70 1.62
CA THR A 84 -9.45 26.61 2.75
C THR A 84 -10.68 27.52 2.72
N LYS A 85 -10.93 28.16 1.57
CA LYS A 85 -12.07 29.06 1.43
C LYS A 85 -13.40 28.51 1.95
N ASP A 86 -13.53 27.19 2.02
CA ASP A 86 -14.75 26.53 2.52
C ASP A 86 -14.72 26.36 4.03
N LEU A 87 -13.74 26.96 4.69
CA LEU A 87 -13.65 26.84 6.15
C LEU A 87 -13.97 28.18 6.79
N PRO A 88 -15.16 28.29 7.42
CA PRO A 88 -15.58 29.52 8.07
C PRO A 88 -14.51 30.03 9.04
N LEU A 89 -13.82 29.11 9.70
CA LEU A 89 -12.78 29.48 10.64
C LEU A 89 -11.69 30.27 9.92
N PHE A 90 -11.31 29.80 8.72
CA PHE A 90 -10.29 30.46 7.91
C PHE A 90 -10.78 31.81 7.39
N ARG A 91 -12.03 31.83 6.93
CA ARG A 91 -12.64 33.05 6.42
C ARG A 91 -12.67 34.13 7.50
N SER A 92 -12.82 33.70 8.74
CA SER A 92 -12.87 34.59 9.91
C SER A 92 -11.60 35.40 10.09
N LEU A 93 -10.57 35.11 9.30
CA LEU A 93 -9.30 35.83 9.41
C LEU A 93 -9.28 37.01 8.46
N THR A 94 -8.23 37.84 8.56
CA THR A 94 -8.10 39.00 7.69
C THR A 94 -7.52 38.63 6.33
N MET A 95 -7.94 39.34 5.28
CA MET A 95 -7.44 39.08 3.95
C MET A 95 -5.95 38.81 3.98
N GLU A 96 -5.19 39.80 4.44
CA GLU A 96 -3.75 39.66 4.50
C GLU A 96 -3.29 38.34 5.10
N ASP A 97 -3.75 38.06 6.33
CA ASP A 97 -3.37 36.83 7.02
C ASP A 97 -3.70 35.57 6.22
N GLN A 98 -4.79 35.57 5.49
CA GLN A 98 -5.14 34.41 4.70
C GLN A 98 -4.09 34.25 3.60
N ILE A 99 -3.93 35.29 2.79
CA ILE A 99 -2.95 35.23 1.72
C ILE A 99 -1.59 34.81 2.27
N SER A 100 -1.30 35.20 3.50
CA SER A 100 -0.03 34.87 4.12
C SER A 100 0.01 33.41 4.59
N LEU A 101 -1.10 32.90 5.08
CA LEU A 101 -1.13 31.52 5.55
C LEU A 101 -1.11 30.56 4.36
N LEU A 102 -1.91 30.85 3.34
CA LEU A 102 -1.92 30.01 2.14
C LEU A 102 -0.57 30.07 1.48
N LYS A 103 -0.07 31.29 1.28
CA LYS A 103 1.22 31.51 0.63
C LYS A 103 2.30 30.69 1.31
N GLY A 104 2.04 30.24 2.54
CA GLY A 104 3.03 29.46 3.26
C GLY A 104 2.70 28.00 3.53
N ALA A 105 1.42 27.64 3.45
CA ALA A 105 1.03 26.26 3.72
C ALA A 105 0.57 25.47 2.49
N ALA A 106 0.45 26.13 1.35
CA ALA A 106 0.02 25.44 0.13
C ALA A 106 0.89 24.22 -0.25
N VAL A 107 2.21 24.37 -0.18
CA VAL A 107 3.08 23.25 -0.54
C VAL A 107 2.92 22.10 0.44
N GLU A 108 2.75 22.45 1.71
CA GLU A 108 2.60 21.43 2.74
C GLU A 108 1.27 20.71 2.58
N ILE A 109 0.20 21.44 2.29
CA ILE A 109 -1.07 20.76 2.12
C ILE A 109 -1.01 19.88 0.87
N LEU A 110 -0.31 20.37 -0.16
CA LEU A 110 -0.14 19.64 -1.42
C LEU A 110 0.44 18.23 -1.22
N HIS A 111 1.63 18.15 -0.63
CA HIS A 111 2.22 16.83 -0.40
C HIS A 111 1.42 16.00 0.60
N ILE A 112 0.71 16.65 1.51
CA ILE A 112 -0.11 15.93 2.48
C ILE A 112 -1.31 15.34 1.75
N SER A 113 -1.87 16.09 0.82
CA SER A 113 -3.01 15.61 0.06
C SER A 113 -2.57 14.57 -0.96
N LEU A 114 -1.44 14.84 -1.61
CA LEU A 114 -0.91 13.95 -2.62
C LEU A 114 -0.53 12.57 -2.07
N ASN A 115 -0.07 12.51 -0.82
CA ASN A 115 0.34 11.24 -0.22
C ASN A 115 -0.83 10.26 -0.26
N THR A 116 -2.00 10.81 -0.51
CA THR A 116 -3.24 10.06 -0.57
C THR A 116 -3.30 9.09 -1.74
N THR A 117 -2.48 9.36 -2.76
CA THR A 117 -2.45 8.52 -3.95
C THR A 117 -1.14 7.76 -4.01
N PHE A 118 -0.33 7.87 -2.96
CA PHE A 118 0.97 7.22 -2.92
C PHE A 118 0.92 5.75 -2.53
N CYS A 119 1.63 4.92 -3.29
CA CYS A 119 1.72 3.48 -3.03
C CYS A 119 3.07 3.18 -2.36
N LEU A 120 3.03 2.55 -1.19
CA LEU A 120 4.26 2.23 -0.47
C LEU A 120 5.07 1.13 -1.15
N GLN A 121 4.36 0.14 -1.68
CA GLN A 121 4.96 -0.99 -2.36
C GLN A 121 5.80 -0.62 -3.60
N THR A 122 5.37 0.40 -4.34
CA THR A 122 6.10 0.76 -5.54
C THR A 122 6.63 2.21 -5.56
N GLU A 123 6.35 2.97 -4.51
CA GLU A 123 6.79 4.35 -4.42
C GLU A 123 6.41 5.13 -5.69
N ASN A 124 5.14 5.06 -6.04
CA ASN A 124 4.60 5.76 -7.19
C ASN A 124 3.26 6.34 -6.80
N PHE A 125 2.88 7.46 -7.39
CA PHE A 125 1.60 8.07 -7.10
C PHE A 125 0.65 7.67 -8.21
N PHE A 126 -0.53 7.17 -7.85
CA PHE A 126 -1.52 6.78 -8.84
C PHE A 126 -2.64 7.81 -8.88
N CYS A 127 -2.56 8.71 -9.88
CA CYS A 127 -3.53 9.77 -10.06
C CYS A 127 -4.34 9.52 -11.33
N GLY A 128 -5.55 8.97 -11.16
CA GLY A 128 -6.38 8.66 -12.30
C GLY A 128 -5.67 7.55 -13.04
N PRO A 129 -5.58 7.66 -14.38
CA PRO A 129 -4.91 6.67 -15.23
C PRO A 129 -3.40 6.97 -15.33
N LEU A 130 -2.93 7.88 -14.50
CA LEU A 130 -1.52 8.27 -14.52
C LEU A 130 -0.68 7.63 -13.43
N CYS A 131 0.59 7.41 -13.70
CA CYS A 131 1.46 6.82 -12.70
C CYS A 131 2.77 7.61 -12.61
N TYR A 132 2.93 8.39 -11.54
CA TYR A 132 4.13 9.19 -11.39
C TYR A 132 5.26 8.45 -10.68
N LYS A 133 6.46 8.62 -11.22
CA LYS A 133 7.66 8.01 -10.67
C LYS A 133 8.64 9.12 -10.38
N MET A 134 9.48 8.94 -9.35
CA MET A 134 10.45 9.97 -8.98
C MET A 134 11.33 10.32 -10.17
N GLU A 135 11.65 9.32 -10.98
CA GLU A 135 12.50 9.53 -12.14
C GLU A 135 11.90 10.55 -13.11
N ASP A 136 10.58 10.66 -13.15
CA ASP A 136 9.94 11.60 -14.05
C ASP A 136 10.25 13.03 -13.65
N ALA A 137 10.33 13.27 -12.35
CA ALA A 137 10.64 14.59 -11.83
C ALA A 137 12.12 14.86 -12.10
N VAL A 138 12.93 13.80 -12.04
CA VAL A 138 14.36 13.94 -12.32
C VAL A 138 14.53 14.47 -13.74
N HIS A 139 13.84 13.82 -14.67
CA HIS A 139 13.87 14.18 -16.09
C HIS A 139 13.39 15.61 -16.33
N ALA A 140 12.62 16.17 -15.39
CA ALA A 140 12.11 17.53 -15.52
C ALA A 140 13.10 18.56 -14.94
N GLY A 141 14.22 18.07 -14.42
CA GLY A 141 15.19 19.00 -13.88
C GLY A 141 15.14 19.26 -12.38
N PHE A 142 14.30 18.53 -11.66
CA PHE A 142 14.24 18.72 -10.22
C PHE A 142 15.50 18.09 -9.60
N GLN A 143 16.01 18.72 -8.56
CA GLN A 143 17.23 18.26 -7.89
C GLN A 143 17.02 16.91 -7.19
N TYR A 144 17.97 16.01 -7.35
CA TYR A 144 17.89 14.69 -6.76
C TYR A 144 17.65 14.72 -5.24
N GLU A 145 18.52 15.44 -4.52
CA GLU A 145 18.42 15.55 -3.06
C GLU A 145 17.03 15.98 -2.66
N PHE A 146 16.50 16.96 -3.39
CA PHE A 146 15.15 17.46 -3.16
C PHE A 146 14.20 16.26 -3.29
N LEU A 147 14.19 15.64 -4.47
CA LEU A 147 13.37 14.47 -4.74
C LEU A 147 13.51 13.33 -3.74
N GLU A 148 14.69 13.14 -3.16
CA GLU A 148 14.86 12.06 -2.18
C GLU A 148 14.13 12.40 -0.90
N SER A 149 14.27 13.66 -0.49
CA SER A 149 13.63 14.15 0.71
C SER A 149 12.13 14.04 0.54
N ILE A 150 11.63 14.59 -0.57
CA ILE A 150 10.21 14.53 -0.84
C ILE A 150 9.75 13.08 -0.79
N LEU A 151 10.57 12.16 -1.30
CA LEU A 151 10.23 10.75 -1.29
C LEU A 151 10.23 10.14 0.09
N HIS A 152 11.22 10.48 0.90
CA HIS A 152 11.30 9.91 2.24
C HIS A 152 10.04 10.31 2.99
N PHE A 153 9.64 11.57 2.83
CA PHE A 153 8.45 12.10 3.49
C PHE A 153 7.23 11.23 3.21
N HIS A 154 6.93 11.07 1.93
CA HIS A 154 5.77 10.28 1.48
C HIS A 154 5.83 8.84 1.96
N LYS A 155 7.01 8.25 2.00
CA LYS A 155 7.15 6.87 2.46
C LYS A 155 6.85 6.86 3.96
N ASN A 156 7.48 7.78 4.69
CA ASN A 156 7.27 7.87 6.13
C ASN A 156 5.80 8.06 6.47
N LEU A 157 5.14 8.98 5.78
CA LEU A 157 3.73 9.25 6.05
C LEU A 157 2.79 8.12 5.62
N LYS A 158 3.11 7.41 4.55
CA LYS A 158 2.22 6.34 4.12
C LYS A 158 2.29 5.19 5.08
N GLY A 159 3.49 4.94 5.58
CA GLY A 159 3.69 3.86 6.53
C GLY A 159 2.84 3.98 7.77
N LEU A 160 2.25 5.15 8.00
CA LEU A 160 1.41 5.35 9.18
C LEU A 160 -0.04 4.90 8.99
N HIS A 161 -0.39 4.46 7.78
CA HIS A 161 -1.73 3.99 7.50
C HIS A 161 -2.86 4.95 7.84
N LEU A 162 -2.74 6.22 7.44
CA LEU A 162 -3.76 7.22 7.73
C LEU A 162 -5.01 7.09 6.87
N GLN A 163 -6.02 7.88 7.20
CA GLN A 163 -7.28 7.92 6.44
C GLN A 163 -7.81 9.36 6.38
N GLU A 164 -8.59 9.65 5.34
CA GLU A 164 -9.18 10.98 5.11
C GLU A 164 -9.17 11.90 6.35
N PRO A 165 -9.85 11.47 7.44
CA PRO A 165 -9.89 12.29 8.67
C PRO A 165 -8.52 12.74 9.14
N GLU A 166 -7.61 11.79 9.36
CA GLU A 166 -6.28 12.15 9.81
C GLU A 166 -5.61 13.09 8.80
N TYR A 167 -5.78 12.83 7.51
CA TYR A 167 -5.19 13.69 6.49
C TYR A 167 -5.72 15.10 6.52
N VAL A 168 -7.05 15.23 6.63
CA VAL A 168 -7.63 16.56 6.66
C VAL A 168 -7.19 17.32 7.90
N LEU A 169 -7.35 16.70 9.07
CA LEU A 169 -6.95 17.36 10.31
C LEU A 169 -5.50 17.86 10.20
N MET A 170 -4.59 16.97 9.84
CA MET A 170 -3.19 17.34 9.67
C MET A 170 -3.08 18.59 8.78
N ALA A 171 -3.79 18.58 7.65
CA ALA A 171 -3.74 19.70 6.73
C ALA A 171 -4.19 21.00 7.38
N ALA A 172 -5.22 20.90 8.23
CA ALA A 172 -5.75 22.08 8.92
C ALA A 172 -4.73 22.56 9.93
N THR A 173 -3.96 21.62 10.47
CA THR A 173 -2.94 21.93 11.44
C THR A 173 -1.84 22.74 10.74
N ALA A 174 -1.46 22.32 9.55
CA ALA A 174 -0.44 23.02 8.79
C ALA A 174 -0.93 24.38 8.30
N LEU A 175 -2.22 24.46 8.01
CA LEU A 175 -2.82 25.71 7.51
C LEU A 175 -2.75 26.86 8.49
N PHE A 176 -3.18 26.61 9.73
CA PHE A 176 -3.20 27.64 10.76
C PHE A 176 -1.88 27.82 11.53
N SER A 177 -0.76 27.78 10.83
CA SER A 177 0.53 27.96 11.49
C SER A 177 0.84 29.46 11.48
N PRO A 178 1.09 30.05 12.66
CA PRO A 178 1.39 31.49 12.77
C PRO A 178 2.81 31.90 12.39
N ASP A 179 3.77 30.99 12.61
CA ASP A 179 5.17 31.27 12.34
C ASP A 179 5.44 31.77 10.92
N ARG A 180 4.47 31.65 10.05
CA ARG A 180 4.65 32.10 8.68
C ARG A 180 4.79 33.61 8.61
N PRO A 181 5.72 34.10 7.78
CA PRO A 181 5.94 35.54 7.64
C PRO A 181 4.73 36.31 7.09
N GLY A 182 4.60 37.57 7.50
CA GLY A 182 3.50 38.40 7.03
C GLY A 182 2.21 38.33 7.81
N VAL A 183 2.16 37.51 8.85
CA VAL A 183 0.94 37.40 9.64
C VAL A 183 0.88 38.48 10.70
N THR A 184 -0.33 38.92 11.00
CA THR A 184 -0.53 39.95 12.01
C THR A 184 -1.15 39.33 13.27
N GLN A 185 -2.28 38.65 13.09
CA GLN A 185 -3.00 38.04 14.19
C GLN A 185 -2.30 36.80 14.76
N ARG A 186 -0.98 36.89 14.87
CA ARG A 186 -0.15 35.80 15.36
C ARG A 186 -0.68 34.99 16.56
N GLU A 187 -1.26 35.65 17.55
CA GLU A 187 -1.76 34.93 18.72
C GLU A 187 -3.16 34.35 18.54
N GLU A 188 -3.98 35.02 17.73
CA GLU A 188 -5.35 34.56 17.48
C GLU A 188 -5.27 33.26 16.68
N ILE A 189 -4.41 33.29 15.66
CA ILE A 189 -4.17 32.16 14.78
C ILE A 189 -3.52 31.02 15.54
N ASP A 190 -2.59 31.36 16.43
CA ASP A 190 -1.91 30.32 17.20
C ASP A 190 -2.91 29.59 18.09
N GLN A 191 -4.03 30.25 18.36
CA GLN A 191 -5.06 29.64 19.18
C GLN A 191 -5.77 28.61 18.30
N LEU A 192 -5.95 28.99 17.04
CA LEU A 192 -6.62 28.13 16.06
C LEU A 192 -5.87 26.83 15.86
N GLN A 193 -4.55 26.94 15.71
CA GLN A 193 -3.72 25.77 15.50
C GLN A 193 -3.79 24.81 16.68
N GLU A 194 -3.72 25.36 17.89
CA GLU A 194 -3.78 24.54 19.09
C GLU A 194 -5.10 23.77 19.18
N GLU A 195 -6.21 24.40 18.76
CA GLU A 195 -7.52 23.74 18.82
C GLU A 195 -7.58 22.65 17.75
N MET A 196 -6.84 22.90 16.67
CA MET A 196 -6.77 21.97 15.56
C MET A 196 -5.96 20.76 15.99
N ALA A 197 -4.83 20.98 16.65
CA ALA A 197 -3.96 19.87 17.10
C ALA A 197 -4.63 19.01 18.18
N LEU A 198 -5.32 19.67 19.10
CA LEU A 198 -6.01 18.96 20.17
C LEU A 198 -7.08 18.05 19.56
N ILE A 199 -7.76 18.53 18.52
CA ILE A 199 -8.78 17.70 17.87
C ILE A 199 -8.10 16.56 17.14
N LEU A 200 -6.92 16.83 16.59
CA LEU A 200 -6.17 15.79 15.87
C LEU A 200 -5.86 14.71 16.89
N ASN A 201 -5.12 15.11 17.91
CA ASN A 201 -4.73 14.21 18.97
C ASN A 201 -5.87 13.38 19.55
N ASN A 202 -6.89 14.04 20.08
CA ASN A 202 -8.02 13.35 20.67
C ASN A 202 -8.75 12.46 19.66
N HIS A 203 -8.78 12.91 18.41
CA HIS A 203 -9.42 12.13 17.35
C HIS A 203 -8.69 10.80 17.21
N ILE A 204 -7.36 10.87 17.19
CA ILE A 204 -6.53 9.68 17.07
C ILE A 204 -6.84 8.69 18.18
N MET A 205 -6.92 9.19 19.41
CA MET A 205 -7.22 8.30 20.54
C MET A 205 -8.56 7.61 20.34
N GLU A 206 -9.57 8.38 19.94
CA GLU A 206 -10.90 7.84 19.68
C GLU A 206 -10.84 6.62 18.76
N GLN A 207 -9.81 6.57 17.92
CA GLN A 207 -9.64 5.45 16.98
C GLN A 207 -8.49 4.53 17.40
N GLN A 208 -8.27 4.45 18.71
CA GLN A 208 -7.24 3.59 19.28
C GLN A 208 -7.06 2.30 18.48
N SER A 209 -8.16 1.60 18.22
CA SER A 209 -8.13 0.33 17.50
C SER A 209 -7.64 0.35 16.07
N ARG A 210 -7.97 1.41 15.33
CA ARG A 210 -7.54 1.48 13.94
C ARG A 210 -6.07 1.90 13.81
N LEU A 211 -5.72 3.05 14.38
CA LEU A 211 -4.37 3.59 14.32
C LEU A 211 -3.49 2.96 15.39
N GLN A 212 -2.58 2.08 14.99
CA GLN A 212 -1.72 1.38 15.95
C GLN A 212 -0.23 1.68 15.96
N SER A 213 0.18 2.83 15.46
CA SER A 213 1.60 3.16 15.48
C SER A 213 1.82 3.93 16.77
N ARG A 214 2.95 3.70 17.43
CA ARG A 214 3.23 4.42 18.65
C ARG A 214 3.56 5.88 18.35
N PHE A 215 3.16 6.76 19.25
CA PHE A 215 3.43 8.19 19.11
C PHE A 215 2.98 8.71 17.75
N LEU A 216 1.78 8.32 17.33
CA LEU A 216 1.24 8.78 16.04
C LEU A 216 1.24 10.31 15.96
N TYR A 217 0.55 10.95 16.90
CA TYR A 217 0.49 12.41 16.90
C TYR A 217 1.87 13.05 16.74
N ALA A 218 2.81 12.72 17.62
CA ALA A 218 4.15 13.30 17.54
C ALA A 218 4.78 13.00 16.18
N LYS A 219 4.68 11.75 15.73
CA LYS A 219 5.25 11.36 14.45
C LYS A 219 4.67 12.21 13.32
N LEU A 220 3.39 12.53 13.41
CA LEU A 220 2.79 13.35 12.37
C LEU A 220 3.37 14.77 12.47
N MET A 221 3.24 15.41 13.64
CA MET A 221 3.79 16.75 13.83
C MET A 221 5.28 16.76 13.49
N GLY A 222 5.92 15.61 13.67
CA GLY A 222 7.33 15.52 13.36
C GLY A 222 7.51 15.64 11.87
N LEU A 223 6.67 14.92 11.12
CA LEU A 223 6.73 14.95 9.66
C LEU A 223 6.36 16.33 9.15
N LEU A 224 5.52 17.05 9.88
CA LEU A 224 5.13 18.38 9.48
C LEU A 224 6.37 19.28 9.59
N ALA A 225 7.28 18.89 10.48
CA ALA A 225 8.50 19.64 10.69
C ALA A 225 9.44 19.34 9.51
N ASP A 226 9.56 18.07 9.17
CA ASP A 226 10.41 17.65 8.06
C ASP A 226 9.99 18.36 6.79
N LEU A 227 8.69 18.38 6.55
CA LEU A 227 8.15 19.01 5.35
C LEU A 227 8.59 20.47 5.27
N ARG A 228 8.38 21.23 6.33
CA ARG A 228 8.76 22.64 6.35
C ARG A 228 10.24 22.83 6.09
N SER A 229 11.08 21.98 6.69
CA SER A 229 12.51 22.08 6.48
C SER A 229 12.87 21.91 5.01
N ILE A 230 12.29 20.90 4.38
CA ILE A 230 12.54 20.62 2.96
C ILE A 230 12.22 21.83 2.08
N ASN A 231 11.10 22.47 2.32
CA ASN A 231 10.73 23.63 1.51
C ASN A 231 11.68 24.79 1.72
N ASN A 232 12.05 25.02 2.98
CA ASN A 232 12.97 26.11 3.30
C ASN A 232 14.27 25.87 2.55
N ALA A 233 14.73 24.63 2.55
CA ALA A 233 15.98 24.27 1.90
C ALA A 233 15.96 24.35 0.36
N TYR A 234 15.02 23.68 -0.27
CA TYR A 234 14.96 23.69 -1.74
C TYR A 234 13.82 24.53 -2.27
N SER A 235 13.60 25.68 -1.64
CA SER A 235 12.51 26.57 -2.05
C SER A 235 12.67 27.06 -3.48
N TYR A 236 13.90 27.19 -3.94
CA TYR A 236 14.17 27.67 -5.30
C TYR A 236 13.62 26.74 -6.36
N GLU A 237 13.54 25.46 -6.03
CA GLU A 237 13.02 24.45 -6.94
C GLU A 237 11.56 24.78 -7.28
N LEU A 238 10.80 25.20 -6.29
CA LEU A 238 9.40 25.53 -6.52
C LEU A 238 9.23 26.92 -7.12
N GLN A 239 10.00 27.89 -6.62
CA GLN A 239 9.89 29.24 -7.14
C GLN A 239 10.15 29.30 -8.65
N ARG A 240 11.05 28.43 -9.12
CA ARG A 240 11.39 28.40 -10.54
C ARG A 240 10.26 27.74 -11.34
N LEU A 241 9.63 26.73 -10.75
CA LEU A 241 8.54 26.04 -11.42
C LEU A 241 7.38 27.01 -11.64
N GLU A 242 7.22 27.93 -10.69
CA GLU A 242 6.17 28.95 -10.74
C GLU A 242 6.61 30.14 -11.60
N GLU A 243 7.10 29.86 -12.81
CA GLU A 243 7.56 30.89 -13.73
C GLU A 243 8.22 30.27 -14.96
N GLN B 18 19.35 -22.26 15.07
CA GLN B 18 17.89 -21.92 15.15
C GLN B 18 17.58 -20.68 14.30
N LYS B 19 18.11 -19.54 14.72
CA LYS B 19 17.89 -18.33 13.97
C LYS B 19 18.54 -18.54 12.62
N GLU B 20 19.20 -19.68 12.49
CA GLU B 20 19.88 -20.07 11.27
C GLU B 20 18.90 -20.88 10.42
N LEU B 21 17.83 -21.35 11.06
CA LEU B 21 16.78 -22.09 10.38
C LEU B 21 16.01 -21.04 9.59
N VAL B 22 16.10 -19.81 10.08
CA VAL B 22 15.43 -18.67 9.46
C VAL B 22 16.31 -18.11 8.35
N GLN B 23 17.44 -18.75 8.14
CA GLN B 23 18.37 -18.36 7.09
C GLN B 23 18.18 -19.42 6.01
N ILE B 24 17.74 -20.59 6.46
CA ILE B 24 17.46 -21.72 5.59
C ILE B 24 16.17 -21.35 4.83
N LEU B 25 15.18 -20.91 5.60
CA LEU B 25 13.89 -20.50 5.05
C LEU B 25 14.07 -19.31 4.10
N LEU B 26 14.80 -18.30 4.55
CA LEU B 26 15.04 -17.10 3.74
C LEU B 26 15.69 -17.41 2.40
N GLY B 27 16.64 -18.33 2.39
CA GLY B 27 17.32 -18.67 1.16
C GLY B 27 16.46 -19.55 0.26
N ALA B 28 15.55 -20.29 0.86
CA ALA B 28 14.66 -21.16 0.12
C ALA B 28 13.64 -20.33 -0.64
N HIS B 29 13.03 -19.39 0.09
CA HIS B 29 12.01 -18.51 -0.46
C HIS B 29 12.56 -17.62 -1.57
N THR B 30 13.72 -17.01 -1.35
CA THR B 30 14.32 -16.12 -2.34
C THR B 30 14.69 -16.85 -3.63
N ARG B 31 15.09 -18.11 -3.51
CA ARG B 31 15.52 -18.88 -4.66
C ARG B 31 14.41 -19.38 -5.59
N HIS B 32 13.34 -19.90 -5.02
CA HIS B 32 12.25 -20.46 -5.83
C HIS B 32 10.95 -19.67 -5.86
N VAL B 33 10.73 -18.81 -4.86
CA VAL B 33 9.50 -18.03 -4.79
C VAL B 33 9.70 -16.54 -5.04
N GLY B 34 10.93 -16.07 -4.93
CA GLY B 34 11.21 -14.66 -5.15
C GLY B 34 10.86 -14.25 -6.56
N PRO B 35 11.50 -14.84 -7.58
CA PRO B 35 11.24 -14.50 -8.97
C PRO B 35 10.01 -15.22 -9.54
N LEU B 36 9.22 -15.82 -8.64
CA LEU B 36 8.02 -16.55 -9.03
C LEU B 36 7.16 -15.61 -9.87
N PHE B 37 6.80 -14.48 -9.27
CA PHE B 37 5.93 -13.46 -9.89
C PHE B 37 6.40 -12.78 -11.17
N ASP B 38 7.71 -12.71 -11.40
CA ASP B 38 8.20 -12.05 -12.62
C ASP B 38 8.11 -12.96 -13.84
N GLN B 39 7.55 -14.15 -13.68
CA GLN B 39 7.46 -15.05 -14.81
C GLN B 39 6.04 -15.26 -15.31
N PHE B 40 5.06 -14.71 -14.60
CA PHE B 40 3.67 -14.86 -15.01
C PHE B 40 3.57 -14.35 -16.46
N VAL B 41 4.35 -13.33 -16.77
CA VAL B 41 4.35 -12.76 -18.13
C VAL B 41 4.66 -13.82 -19.19
N GLN B 42 5.13 -14.98 -18.74
CA GLN B 42 5.49 -16.07 -19.64
C GLN B 42 4.34 -16.98 -20.05
N PHE B 43 3.21 -16.90 -19.33
CA PHE B 43 2.10 -17.79 -19.64
C PHE B 43 0.90 -17.19 -20.35
N LYS B 44 1.12 -16.65 -21.53
CA LYS B 44 0.06 -16.08 -22.36
C LYS B 44 -1.01 -15.28 -21.61
N PRO B 45 -0.63 -14.19 -20.91
CA PRO B 45 -1.58 -13.37 -20.16
C PRO B 45 -2.29 -12.42 -21.13
N PRO B 46 -3.64 -12.34 -21.05
CA PRO B 46 -4.39 -11.44 -21.94
C PRO B 46 -3.77 -10.05 -21.86
N ALA B 47 -3.68 -9.38 -23.00
CA ALA B 47 -3.09 -8.03 -23.07
C ALA B 47 -3.53 -7.05 -21.98
N TYR B 48 -4.81 -7.07 -21.60
CA TYR B 48 -5.28 -6.13 -20.58
C TYR B 48 -4.64 -6.26 -19.20
N LEU B 49 -4.02 -7.39 -18.89
CA LEU B 49 -3.39 -7.52 -17.58
C LEU B 49 -2.13 -6.67 -17.51
N PHE B 50 -1.74 -6.06 -18.64
CA PHE B 50 -0.53 -5.23 -18.68
C PHE B 50 -0.84 -3.80 -18.26
N MET B 51 -2.14 -3.50 -18.14
CA MET B 51 -2.60 -2.16 -17.80
C MET B 51 -3.09 -2.05 -16.35
N HIS B 52 -2.73 -0.96 -15.67
CA HIS B 52 -3.14 -0.77 -14.29
C HIS B 52 -4.46 -0.04 -14.15
N HIS B 53 -4.83 0.72 -15.17
CA HIS B 53 -6.08 1.48 -15.17
C HIS B 53 -6.87 1.04 -16.40
N ARG B 54 -7.98 0.35 -16.18
CA ARG B 54 -8.79 -0.15 -17.30
C ARG B 54 -10.25 -0.44 -16.94
N PRO B 55 -11.14 -0.40 -17.93
CA PRO B 55 -12.57 -0.65 -17.72
C PRO B 55 -12.88 -2.11 -17.45
N PHE B 56 -13.88 -2.36 -16.59
CA PHE B 56 -14.28 -3.73 -16.28
C PHE B 56 -15.27 -4.20 -17.35
N GLN B 57 -14.85 -5.16 -18.16
CA GLN B 57 -15.69 -5.65 -19.24
C GLN B 57 -15.97 -7.16 -19.12
N PRO B 58 -16.91 -7.53 -18.23
CA PRO B 58 -17.27 -8.94 -18.01
C PRO B 58 -17.91 -9.68 -19.19
N ARG B 59 -18.34 -8.95 -20.22
CA ARG B 59 -18.90 -9.60 -21.40
C ARG B 59 -17.76 -9.99 -22.34
N GLY B 60 -16.53 -9.69 -21.94
CA GLY B 60 -15.37 -10.01 -22.74
C GLY B 60 -15.01 -11.49 -22.68
N PRO B 61 -14.12 -11.95 -23.59
CA PRO B 61 -13.70 -13.35 -23.64
C PRO B 61 -13.16 -13.78 -22.28
N VAL B 62 -13.54 -14.96 -21.84
CA VAL B 62 -13.08 -15.45 -20.55
C VAL B 62 -12.03 -16.56 -20.63
N LEU B 63 -12.28 -17.53 -21.50
CA LEU B 63 -11.40 -18.68 -21.71
C LEU B 63 -9.89 -18.36 -21.73
N PRO B 64 -9.49 -17.30 -22.45
CA PRO B 64 -8.05 -17.01 -22.43
C PRO B 64 -7.54 -16.64 -21.04
N LEU B 65 -8.38 -16.02 -20.23
CA LEU B 65 -7.98 -15.63 -18.88
C LEU B 65 -8.03 -16.83 -17.92
N LEU B 66 -9.02 -17.71 -18.10
CA LEU B 66 -9.12 -18.91 -17.26
C LEU B 66 -7.87 -19.74 -17.48
N THR B 67 -7.44 -19.79 -18.74
CA THR B 67 -6.25 -20.53 -19.14
C THR B 67 -5.01 -19.99 -18.45
N HIS B 68 -4.91 -18.67 -18.37
CA HIS B 68 -3.77 -18.02 -17.74
C HIS B 68 -3.70 -18.37 -16.26
N PHE B 69 -4.77 -18.07 -15.52
CA PHE B 69 -4.82 -18.33 -14.09
C PHE B 69 -4.51 -19.79 -13.79
N ALA B 70 -4.87 -20.68 -14.71
CA ALA B 70 -4.61 -22.10 -14.56
C ALA B 70 -3.11 -22.38 -14.70
N ASP B 71 -2.51 -21.82 -15.75
CA ASP B 71 -1.08 -22.00 -15.96
C ASP B 71 -0.24 -21.45 -14.80
N ILE B 72 -0.56 -20.25 -14.31
CA ILE B 72 0.22 -19.69 -13.21
C ILE B 72 -0.07 -20.34 -11.86
N ASN B 73 -1.26 -20.93 -11.71
CA ASN B 73 -1.60 -21.60 -10.46
C ASN B 73 -0.68 -22.81 -10.39
N THR B 74 -0.53 -23.49 -11.53
CA THR B 74 0.34 -24.66 -11.63
C THR B 74 1.77 -24.27 -11.33
N PHE B 75 2.26 -23.29 -12.08
CA PHE B 75 3.62 -22.79 -11.94
C PHE B 75 3.96 -22.47 -10.48
N MET B 76 3.06 -21.74 -9.82
CA MET B 76 3.28 -21.36 -8.43
C MET B 76 3.40 -22.58 -7.54
N VAL B 77 2.50 -23.54 -7.72
CA VAL B 77 2.53 -24.75 -6.90
C VAL B 77 3.88 -25.45 -7.04
N GLN B 78 4.40 -25.49 -8.26
CA GLN B 78 5.67 -26.14 -8.54
C GLN B 78 6.84 -25.51 -7.80
N GLN B 79 6.86 -24.19 -7.73
CA GLN B 79 7.94 -23.49 -7.04
C GLN B 79 7.80 -23.63 -5.53
N ILE B 80 6.56 -23.68 -5.03
CA ILE B 80 6.33 -23.84 -3.60
C ILE B 80 6.79 -25.26 -3.22
N ILE B 81 6.74 -26.18 -4.18
CA ILE B 81 7.19 -27.54 -3.95
C ILE B 81 8.72 -27.52 -3.94
N LYS B 82 9.31 -26.83 -4.91
CA LYS B 82 10.76 -26.70 -4.98
C LYS B 82 11.26 -26.00 -3.71
N PHE B 83 10.40 -25.17 -3.16
CA PHE B 83 10.71 -24.42 -1.94
C PHE B 83 10.85 -25.39 -0.76
N THR B 84 9.75 -26.07 -0.46
CA THR B 84 9.69 -27.03 0.64
C THR B 84 10.65 -28.19 0.41
N LYS B 85 11.14 -28.33 -0.81
CA LYS B 85 12.04 -29.41 -1.14
C LYS B 85 13.47 -29.05 -0.75
N ASP B 86 13.64 -27.86 -0.18
CA ASP B 86 14.95 -27.40 0.26
C ASP B 86 14.96 -27.11 1.76
N LEU B 87 13.92 -27.63 2.43
CA LEU B 87 13.80 -27.49 3.87
C LEU B 87 14.09 -28.89 4.40
N PRO B 88 15.29 -29.10 4.98
CA PRO B 88 15.67 -30.40 5.52
C PRO B 88 14.61 -30.94 6.48
N LEU B 89 14.24 -30.14 7.46
CA LEU B 89 13.23 -30.57 8.42
C LEU B 89 12.01 -31.13 7.71
N PHE B 90 11.82 -30.73 6.45
CA PHE B 90 10.68 -31.20 5.69
C PHE B 90 10.92 -32.55 5.01
N ARG B 91 11.94 -32.62 4.15
CA ARG B 91 12.27 -33.85 3.44
C ARG B 91 12.43 -35.00 4.42
N SER B 92 12.98 -34.68 5.60
CA SER B 92 13.20 -35.66 6.65
C SER B 92 11.86 -36.06 7.26
N LEU B 93 10.91 -36.40 6.40
CA LEU B 93 9.59 -36.82 6.83
C LEU B 93 9.01 -37.89 5.90
N THR B 94 7.93 -38.53 6.34
CA THR B 94 7.27 -39.56 5.55
C THR B 94 6.64 -38.94 4.31
N MET B 95 7.02 -39.44 3.15
CA MET B 95 6.49 -38.94 1.88
C MET B 95 4.96 -38.89 1.87
N GLU B 96 4.33 -39.74 2.67
CA GLU B 96 2.87 -39.78 2.75
C GLU B 96 2.34 -38.52 3.44
N ASP B 97 3.19 -37.89 4.26
CA ASP B 97 2.83 -36.67 4.98
C ASP B 97 3.19 -35.42 4.18
N GLN B 98 4.38 -35.45 3.57
CA GLN B 98 4.82 -34.32 2.75
C GLN B 98 3.67 -34.01 1.81
N ILE B 99 3.25 -35.03 1.05
CA ILE B 99 2.15 -34.89 0.10
C ILE B 99 0.94 -34.31 0.83
N SER B 100 0.54 -34.97 1.91
CA SER B 100 -0.64 -34.56 2.68
C SER B 100 -0.56 -33.10 3.13
N LEU B 101 0.52 -32.74 3.83
CA LEU B 101 0.70 -31.37 4.30
C LEU B 101 0.56 -30.39 3.13
N LEU B 102 1.31 -30.65 2.06
CA LEU B 102 1.29 -29.84 0.84
C LEU B 102 -0.08 -29.79 0.20
N LYS B 103 -0.83 -30.88 0.32
CA LYS B 103 -2.16 -30.95 -0.26
C LYS B 103 -3.04 -29.82 0.27
N GLY B 104 -2.73 -29.31 1.45
CA GLY B 104 -3.53 -28.23 2.01
C GLY B 104 -2.81 -26.92 2.26
N ALA B 105 -1.48 -26.99 2.41
CA ALA B 105 -0.69 -25.79 2.68
C ALA B 105 -0.41 -24.99 1.41
N ALA B 106 0.03 -25.68 0.36
CA ALA B 106 0.36 -25.06 -0.93
C ALA B 106 -0.40 -23.76 -1.19
N VAL B 107 -1.72 -23.85 -1.22
CA VAL B 107 -2.58 -22.71 -1.46
C VAL B 107 -2.28 -21.60 -0.46
N GLU B 108 -2.46 -21.91 0.81
CA GLU B 108 -2.20 -20.96 1.89
C GLU B 108 -0.86 -20.24 1.71
N ILE B 109 0.20 -20.99 1.42
CA ILE B 109 1.49 -20.35 1.23
C ILE B 109 1.37 -19.37 0.07
N LEU B 110 0.93 -19.88 -1.07
CA LEU B 110 0.76 -19.07 -2.28
C LEU B 110 0.29 -17.65 -2.00
N HIS B 111 -0.73 -17.51 -1.17
CA HIS B 111 -1.27 -16.20 -0.84
C HIS B 111 -0.37 -15.39 0.09
N ILE B 112 0.35 -16.07 0.98
CA ILE B 112 1.24 -15.38 1.91
C ILE B 112 2.36 -14.77 1.08
N SER B 113 2.89 -15.58 0.17
CA SER B 113 3.97 -15.17 -0.71
C SER B 113 3.48 -14.16 -1.74
N LEU B 114 2.24 -14.34 -2.18
CA LEU B 114 1.64 -13.45 -3.17
C LEU B 114 1.51 -12.05 -2.56
N ASN B 115 1.25 -12.00 -1.26
CA ASN B 115 1.05 -10.73 -0.56
C ASN B 115 2.16 -9.69 -0.73
N THR B 116 3.36 -10.12 -1.08
CA THR B 116 4.47 -9.19 -1.23
C THR B 116 4.38 -8.35 -2.51
N THR B 117 3.41 -8.70 -3.35
CA THR B 117 3.21 -7.99 -4.61
C THR B 117 1.95 -7.14 -4.49
N PHE B 118 1.31 -7.20 -3.34
CA PHE B 118 0.08 -6.46 -3.10
C PHE B 118 0.32 -5.03 -2.67
N CYS B 119 -0.33 -4.09 -3.34
CA CYS B 119 -0.24 -2.69 -2.98
C CYS B 119 -1.55 -2.38 -2.29
N LEU B 120 -1.49 -1.95 -1.04
CA LEU B 120 -2.69 -1.64 -0.25
C LEU B 120 -3.49 -0.45 -0.75
N GLN B 121 -2.84 0.44 -1.49
CA GLN B 121 -3.51 1.63 -1.99
C GLN B 121 -4.47 1.36 -3.15
N THR B 122 -3.96 0.72 -4.19
CA THR B 122 -4.74 0.42 -5.37
C THR B 122 -5.43 -0.94 -5.32
N GLU B 123 -5.02 -1.77 -4.36
CA GLU B 123 -5.56 -3.12 -4.20
C GLU B 123 -5.19 -4.05 -5.38
N ASN B 124 -4.22 -3.63 -6.19
CA ASN B 124 -3.80 -4.46 -7.31
C ASN B 124 -2.62 -5.33 -6.87
N PHE B 125 -2.28 -6.30 -7.71
CA PHE B 125 -1.12 -7.14 -7.44
C PHE B 125 -0.18 -6.89 -8.61
N PHE B 126 1.02 -6.43 -8.32
CA PHE B 126 1.99 -6.13 -9.36
C PHE B 126 3.01 -7.26 -9.50
N CYS B 127 2.81 -8.09 -10.52
CA CYS B 127 3.72 -9.21 -10.76
C CYS B 127 4.40 -8.97 -12.10
N GLY B 128 5.67 -8.57 -12.04
CA GLY B 128 6.40 -8.27 -13.26
C GLY B 128 5.68 -7.12 -13.92
N PRO B 129 5.55 -7.08 -15.25
CA PRO B 129 4.86 -5.96 -15.90
C PRO B 129 3.33 -6.02 -15.72
N LEU B 130 2.86 -7.13 -15.17
CA LEU B 130 1.44 -7.40 -14.95
C LEU B 130 0.75 -6.73 -13.75
N CYS B 131 -0.55 -6.46 -13.91
CA CYS B 131 -1.37 -5.85 -12.86
C CYS B 131 -2.67 -6.65 -12.66
N TYR B 132 -2.74 -7.46 -11.61
CA TYR B 132 -3.95 -8.24 -11.37
C TYR B 132 -4.93 -7.54 -10.42
N LYS B 133 -6.22 -7.61 -10.76
CA LYS B 133 -7.28 -7.00 -9.98
C LYS B 133 -8.30 -8.04 -9.58
N MET B 134 -9.09 -7.75 -8.55
CA MET B 134 -10.13 -8.67 -8.11
C MET B 134 -11.09 -8.83 -9.30
N GLU B 135 -11.35 -7.72 -9.99
CA GLU B 135 -12.22 -7.71 -11.17
C GLU B 135 -11.89 -8.89 -12.05
N ASP B 136 -10.59 -9.18 -12.15
CA ASP B 136 -10.10 -10.27 -12.99
C ASP B 136 -10.57 -11.64 -12.48
N ALA B 137 -10.51 -11.85 -11.17
CA ALA B 137 -10.95 -13.12 -10.62
C ALA B 137 -12.47 -13.17 -10.79
N VAL B 138 -13.09 -12.00 -10.73
CA VAL B 138 -14.53 -11.90 -10.87
C VAL B 138 -14.92 -12.30 -12.29
N HIS B 139 -14.20 -11.77 -13.27
CA HIS B 139 -14.49 -12.09 -14.65
C HIS B 139 -14.22 -13.57 -14.92
N ALA B 140 -13.13 -14.07 -14.35
CA ALA B 140 -12.75 -15.47 -14.49
C ALA B 140 -13.91 -16.31 -14.04
N GLY B 141 -14.82 -15.70 -13.30
CA GLY B 141 -15.99 -16.40 -12.83
C GLY B 141 -15.95 -16.90 -11.40
N PHE B 142 -15.02 -16.42 -10.59
CA PHE B 142 -14.96 -16.85 -9.20
C PHE B 142 -16.08 -16.13 -8.45
N GLN B 143 -16.51 -16.70 -7.33
CA GLN B 143 -17.60 -16.11 -6.56
C GLN B 143 -17.20 -15.09 -5.51
N TYR B 144 -18.01 -14.04 -5.42
CA TYR B 144 -17.82 -12.94 -4.48
C TYR B 144 -17.23 -13.35 -3.14
N GLU B 145 -18.08 -13.84 -2.24
CA GLU B 145 -17.63 -14.26 -0.91
C GLU B 145 -16.21 -14.81 -0.89
N PHE B 146 -15.88 -15.71 -1.81
CA PHE B 146 -14.54 -16.27 -1.87
C PHE B 146 -13.56 -15.11 -2.05
N LEU B 147 -13.71 -14.39 -3.15
CA LEU B 147 -12.85 -13.26 -3.45
C LEU B 147 -12.78 -12.33 -2.26
N GLU B 148 -13.94 -12.01 -1.71
CA GLU B 148 -14.08 -11.12 -0.55
C GLU B 148 -13.13 -11.55 0.58
N SER B 149 -13.07 -12.85 0.86
CA SER B 149 -12.17 -13.37 1.88
C SER B 149 -10.73 -13.10 1.45
N ILE B 150 -10.42 -13.44 0.20
CA ILE B 150 -9.09 -13.24 -0.35
C ILE B 150 -8.63 -11.78 -0.21
N LEU B 151 -9.49 -10.85 -0.60
CA LEU B 151 -9.16 -9.44 -0.52
C LEU B 151 -8.97 -9.02 0.93
N HIS B 152 -9.88 -9.48 1.80
CA HIS B 152 -9.82 -9.13 3.21
C HIS B 152 -8.51 -9.65 3.83
N PHE B 153 -8.11 -10.84 3.42
CA PHE B 153 -6.88 -11.44 3.91
C PHE B 153 -5.70 -10.54 3.55
N HIS B 154 -5.59 -10.24 2.26
CA HIS B 154 -4.50 -9.42 1.74
C HIS B 154 -4.50 -7.96 2.25
N LYS B 155 -5.66 -7.40 2.55
CA LYS B 155 -5.66 -6.02 3.06
C LYS B 155 -5.12 -6.10 4.50
N ASN B 156 -5.70 -6.97 5.32
CA ASN B 156 -5.26 -7.12 6.69
C ASN B 156 -3.76 -7.44 6.84
N LEU B 157 -3.31 -8.52 6.20
CA LEU B 157 -1.90 -8.91 6.30
C LEU B 157 -0.96 -7.82 5.84
N LYS B 158 -1.27 -7.20 4.71
CA LYS B 158 -0.41 -6.15 4.17
C LYS B 158 -0.27 -4.99 5.15
N GLY B 159 -1.34 -4.70 5.89
CA GLY B 159 -1.32 -3.60 6.84
C GLY B 159 -0.46 -3.78 8.07
N LEU B 160 0.32 -4.86 8.11
CA LEU B 160 1.17 -5.12 9.26
C LEU B 160 2.64 -4.84 9.00
N HIS B 161 2.94 -4.31 7.81
CA HIS B 161 4.33 -3.97 7.46
C HIS B 161 5.31 -5.09 7.75
N LEU B 162 5.12 -6.26 7.14
CA LEU B 162 6.02 -7.37 7.36
C LEU B 162 7.12 -7.38 6.30
N GLN B 163 8.22 -8.05 6.59
CA GLN B 163 9.31 -8.17 5.64
C GLN B 163 9.56 -9.67 5.45
N GLU B 164 10.45 -10.03 4.56
CA GLU B 164 10.70 -11.45 4.30
C GLU B 164 10.70 -12.36 5.54
N PRO B 165 11.52 -12.04 6.55
CA PRO B 165 11.57 -12.89 7.75
C PRO B 165 10.22 -13.32 8.32
N GLU B 166 9.26 -12.40 8.42
CA GLU B 166 7.95 -12.74 8.96
C GLU B 166 7.07 -13.44 7.91
N TYR B 167 7.50 -13.43 6.66
CA TYR B 167 6.74 -14.07 5.60
C TYR B 167 7.10 -15.55 5.53
N VAL B 168 8.37 -15.81 5.24
CA VAL B 168 8.88 -17.18 5.16
C VAL B 168 8.51 -17.87 6.47
N LEU B 169 8.70 -17.18 7.58
CA LEU B 169 8.38 -17.75 8.89
C LEU B 169 6.91 -18.15 8.96
N MET B 170 6.02 -17.16 8.88
CA MET B 170 4.59 -17.42 8.92
C MET B 170 4.26 -18.60 7.99
N ALA B 171 4.80 -18.56 6.77
CA ALA B 171 4.57 -19.60 5.77
C ALA B 171 4.93 -21.01 6.23
N ALA B 172 6.10 -21.16 6.84
CA ALA B 172 6.57 -22.46 7.31
C ALA B 172 5.72 -23.02 8.46
N THR B 173 5.21 -22.16 9.32
CA THR B 173 4.40 -22.68 10.41
C THR B 173 3.11 -23.24 9.83
N ALA B 174 2.73 -22.75 8.66
CA ALA B 174 1.51 -23.22 8.01
C ALA B 174 1.87 -24.49 7.25
N LEU B 175 3.13 -24.55 6.82
CA LEU B 175 3.63 -25.71 6.09
C LEU B 175 3.50 -26.94 6.97
N PHE B 176 3.74 -26.76 8.27
CA PHE B 176 3.63 -27.86 9.22
C PHE B 176 2.37 -27.68 10.06
N SER B 177 1.24 -28.09 9.50
CA SER B 177 -0.04 -27.99 10.21
C SER B 177 -0.54 -29.42 10.44
N PRO B 178 -0.18 -30.01 11.59
CA PRO B 178 -0.55 -31.37 11.99
C PRO B 178 -2.02 -31.75 11.96
N ASP B 179 -2.90 -30.76 11.93
CA ASP B 179 -4.32 -31.09 11.92
C ASP B 179 -4.90 -31.20 10.51
N ARG B 180 -4.04 -31.51 9.54
CA ARG B 180 -4.48 -31.65 8.16
C ARG B 180 -4.81 -33.09 7.78
N PRO B 181 -5.97 -33.30 7.16
CA PRO B 181 -6.45 -34.63 6.72
C PRO B 181 -5.39 -35.45 5.99
N GLY B 182 -5.15 -36.67 6.46
CA GLY B 182 -4.19 -37.55 5.82
C GLY B 182 -2.83 -37.67 6.47
N VAL B 183 -2.58 -36.86 7.50
CA VAL B 183 -1.30 -36.88 8.20
C VAL B 183 -1.11 -38.14 9.04
N THR B 184 0.06 -38.76 8.90
CA THR B 184 0.41 -39.98 9.62
C THR B 184 0.75 -39.64 11.08
N GLN B 185 1.93 -39.07 11.26
CA GLN B 185 2.43 -38.71 12.58
C GLN B 185 2.15 -37.28 13.04
N ARG B 186 0.89 -37.01 13.36
CA ARG B 186 0.46 -35.70 13.84
C ARG B 186 1.10 -35.45 15.19
N GLU B 187 2.17 -36.20 15.46
CA GLU B 187 2.91 -36.12 16.71
C GLU B 187 4.18 -35.28 16.50
N GLU B 188 4.98 -35.67 15.51
CA GLU B 188 6.22 -34.97 15.21
C GLU B 188 5.95 -33.65 14.48
N ILE B 189 4.72 -33.50 13.97
CA ILE B 189 4.35 -32.29 13.25
C ILE B 189 3.85 -31.20 14.19
N ASP B 190 3.05 -31.56 15.19
CA ASP B 190 2.56 -30.56 16.13
C ASP B 190 3.72 -30.22 17.07
N GLN B 191 4.92 -30.56 16.64
CA GLN B 191 6.11 -30.28 17.40
C GLN B 191 7.02 -29.40 16.56
N LEU B 192 7.20 -29.80 15.31
CA LEU B 192 8.04 -29.03 14.39
C LEU B 192 7.43 -27.64 14.21
N GLN B 193 6.11 -27.58 14.28
CA GLN B 193 5.40 -26.31 14.13
C GLN B 193 5.73 -25.40 15.30
N GLU B 194 5.33 -25.82 16.50
CA GLU B 194 5.60 -25.02 17.70
C GLU B 194 7.10 -24.76 17.82
N GLU B 195 7.91 -25.57 17.14
CA GLU B 195 9.35 -25.42 17.16
C GLU B 195 9.69 -24.23 16.28
N MET B 196 8.65 -23.51 15.85
CA MET B 196 8.82 -22.34 15.00
C MET B 196 7.74 -21.28 15.27
N ALA B 197 6.62 -21.72 15.85
CA ALA B 197 5.55 -20.79 16.17
C ALA B 197 6.06 -19.76 17.17
N LEU B 198 6.72 -20.23 18.22
CA LEU B 198 7.27 -19.33 19.22
C LEU B 198 8.56 -18.70 18.72
N ILE B 199 9.16 -19.32 17.72
CA ILE B 199 10.39 -18.80 17.13
C ILE B 199 9.99 -17.62 16.24
N LEU B 200 8.71 -17.54 15.94
CA LEU B 200 8.18 -16.45 15.14
C LEU B 200 7.84 -15.34 16.13
N ASN B 201 7.21 -15.72 17.23
CA ASN B 201 6.84 -14.77 18.28
C ASN B 201 8.06 -14.05 18.83
N ASN B 202 9.16 -14.79 18.95
CA ASN B 202 10.41 -14.23 19.47
C ASN B 202 11.02 -13.23 18.51
N HIS B 203 11.23 -13.66 17.27
CA HIS B 203 11.79 -12.79 16.25
C HIS B 203 10.99 -11.49 16.17
N ILE B 204 9.67 -11.59 16.31
CA ILE B 204 8.80 -10.43 16.27
C ILE B 204 9.25 -9.38 17.30
N MET B 205 9.75 -9.85 18.43
CA MET B 205 10.21 -8.96 19.48
C MET B 205 11.65 -8.52 19.20
N GLU B 206 12.45 -9.40 18.64
CA GLU B 206 13.84 -9.07 18.31
C GLU B 206 13.83 -7.85 17.40
N GLN B 207 12.65 -7.52 16.88
CA GLN B 207 12.48 -6.37 15.98
C GLN B 207 11.25 -5.58 16.45
N GLN B 208 10.96 -5.66 17.75
CA GLN B 208 9.80 -4.99 18.32
C GLN B 208 9.64 -3.54 17.87
N SER B 209 10.74 -2.90 17.49
CA SER B 209 10.71 -1.51 17.08
C SER B 209 9.86 -1.21 15.86
N ARG B 210 10.16 -1.86 14.73
CA ARG B 210 9.40 -1.62 13.50
C ARG B 210 8.07 -2.35 13.49
N LEU B 211 8.05 -3.53 14.08
CA LEU B 211 6.82 -4.30 14.15
C LEU B 211 6.08 -3.86 15.39
N GLN B 212 5.41 -2.71 15.30
CA GLN B 212 4.67 -2.15 16.43
C GLN B 212 3.17 -2.29 16.33
N SER B 213 2.71 -3.37 15.72
CA SER B 213 1.28 -3.58 15.62
C SER B 213 0.92 -4.23 16.96
N ARG B 214 -0.18 -3.79 17.56
CA ARG B 214 -0.56 -4.36 18.85
C ARG B 214 -1.04 -5.80 18.69
N PHE B 215 -0.35 -6.72 19.36
CA PHE B 215 -0.71 -8.14 19.31
C PHE B 215 -0.47 -8.79 17.96
N LEU B 216 0.69 -8.58 17.36
CA LEU B 216 0.97 -9.18 16.05
C LEU B 216 0.63 -10.65 16.00
N TYR B 217 1.49 -11.49 16.58
CA TYR B 217 1.30 -12.93 16.61
C TYR B 217 -0.16 -13.36 16.53
N ALA B 218 -0.90 -13.11 17.61
CA ALA B 218 -2.32 -13.46 17.66
C ALA B 218 -3.03 -13.04 16.38
N LYS B 219 -2.70 -11.87 15.86
CA LYS B 219 -3.31 -11.34 14.64
C LYS B 219 -2.80 -12.10 13.43
N LEU B 220 -1.54 -12.51 13.50
CA LEU B 220 -0.91 -13.27 12.42
C LEU B 220 -1.58 -14.62 12.33
N MET B 221 -1.48 -15.40 13.41
CA MET B 221 -2.09 -16.74 13.45
C MET B 221 -3.57 -16.57 13.17
N GLY B 222 -4.13 -15.43 13.56
CA GLY B 222 -5.53 -15.18 13.31
C GLY B 222 -5.75 -15.10 11.80
N LEU B 223 -4.67 -14.90 11.07
CA LEU B 223 -4.72 -14.82 9.61
C LEU B 223 -4.50 -16.20 9.02
N LEU B 224 -3.59 -16.97 9.62
CA LEU B 224 -3.31 -18.32 9.16
C LEU B 224 -4.57 -19.16 9.30
N ALA B 225 -5.46 -18.75 10.21
CA ALA B 225 -6.70 -19.46 10.44
C ALA B 225 -7.79 -19.03 9.46
N ASP B 226 -7.73 -17.77 9.03
CA ASP B 226 -8.71 -17.26 8.08
C ASP B 226 -8.38 -17.70 6.67
N LEU B 227 -7.15 -18.16 6.48
CA LEU B 227 -6.69 -18.61 5.19
C LEU B 227 -7.15 -20.06 5.01
N ARG B 228 -6.99 -20.84 6.06
CA ARG B 228 -7.39 -22.24 6.06
C ARG B 228 -8.90 -22.36 5.85
N SER B 229 -9.66 -21.53 6.57
CA SER B 229 -11.10 -21.52 6.47
C SER B 229 -11.60 -21.25 5.05
N ILE B 230 -10.84 -20.50 4.27
CA ILE B 230 -11.23 -20.21 2.91
C ILE B 230 -10.60 -21.26 2.00
N ASN B 231 -9.52 -21.85 2.48
CA ASN B 231 -8.83 -22.89 1.73
C ASN B 231 -9.79 -24.06 1.66
N ASN B 232 -10.67 -24.13 2.64
CA ASN B 232 -11.66 -25.20 2.73
C ASN B 232 -12.98 -24.80 2.09
N ALA B 233 -13.82 -24.09 2.84
CA ALA B 233 -15.11 -23.63 2.35
C ALA B 233 -15.10 -23.52 0.83
N TYR B 234 -14.07 -22.87 0.31
CA TYR B 234 -13.92 -22.72 -1.14
C TYR B 234 -12.69 -23.51 -1.55
N SER B 235 -12.89 -24.48 -2.42
CA SER B 235 -11.82 -25.34 -2.89
C SER B 235 -12.25 -25.97 -4.20
N TYR B 236 -13.54 -26.26 -4.29
CA TYR B 236 -14.10 -26.87 -5.48
C TYR B 236 -13.80 -26.07 -6.75
N GLU B 237 -13.58 -24.76 -6.59
CA GLU B 237 -13.27 -23.91 -7.75
C GLU B 237 -11.77 -23.82 -8.01
N LEU B 238 -10.97 -23.77 -6.95
CA LEU B 238 -9.52 -23.71 -7.13
C LEU B 238 -9.13 -24.91 -7.97
N GLN B 239 -10.01 -25.91 -8.03
CA GLN B 239 -9.74 -27.11 -8.79
C GLN B 239 -9.94 -26.92 -10.29
N ARG B 240 -11.17 -26.56 -10.68
CA ARG B 240 -11.54 -26.32 -12.08
C ARG B 240 -10.36 -25.92 -12.98
N LEU B 241 -9.54 -24.99 -12.49
CA LEU B 241 -8.38 -24.51 -13.23
C LEU B 241 -7.63 -25.65 -13.90
N THR B 248 -9.51 -26.68 -16.75
CA THR B 248 -8.87 -26.67 -18.05
C THR B 248 -7.35 -26.74 -17.86
N PRO B 249 -6.87 -27.80 -17.19
CA PRO B 249 -5.43 -27.96 -16.97
C PRO B 249 -4.75 -28.58 -18.18
N LEU B 250 -4.80 -27.87 -19.30
CA LEU B 250 -4.23 -28.36 -20.56
C LEU B 250 -3.35 -27.34 -21.28
N LEU B 251 -2.07 -27.67 -21.45
CA LEU B 251 -1.14 -26.78 -22.14
C LEU B 251 -0.96 -27.20 -23.60
N GLY B 252 -0.41 -28.40 -23.81
CA GLY B 252 -0.22 -28.89 -25.17
C GLY B 252 -1.50 -28.85 -25.98
N GLU B 253 -2.60 -28.60 -25.29
CA GLU B 253 -3.94 -28.50 -25.88
C GLU B 253 -4.03 -27.44 -26.97
N ILE B 254 -3.01 -26.59 -27.08
CA ILE B 254 -3.04 -25.52 -28.08
C ILE B 254 -1.80 -25.47 -28.97
N CYS B 255 -2.05 -25.47 -30.28
CA CYS B 255 -1.00 -25.39 -31.30
C CYS B 255 -1.54 -24.68 -32.54
O1 ATE C . 4.43 20.26 -6.72
C3 ATE C . 5.15 20.21 -7.95
C2 ATE C . 4.29 19.38 -8.92
C1 ATE C . 4.35 17.87 -8.63
C4 ATE C . 6.53 19.68 -7.51
C5 ATE C . 6.47 18.16 -7.20
C6 ATE C . 7.89 17.68 -6.81
C10 ATE C . 5.77 17.28 -8.31
C19 ATE C . 6.57 17.38 -9.65
C9 ATE C . 5.75 15.75 -7.95
C11 ATE C . 5.06 14.82 -8.99
C8 ATE C . 7.22 15.30 -7.57
C7 ATE C . 7.92 16.18 -6.51
C14 ATE C . 7.24 13.78 -7.22
C15 ATE C . 8.51 13.05 -6.79
C13 ATE C . 6.54 12.84 -8.27
C12 ATE C . 5.12 13.32 -8.64
C18 ATE C . 7.35 12.68 -9.60
C17 ATE C . 6.83 11.57 -7.49
C16 ATE C . 7.90 11.66 -6.66
O1 ATE D . -4.97 -20.07 -6.30
C3 ATE D . -5.71 -19.99 -7.51
C2 ATE D . -4.73 -19.44 -8.59
C1 ATE D . -4.47 -17.93 -8.43
C4 ATE D . -6.94 -19.15 -7.12
C5 ATE D . -6.56 -17.66 -6.96
C6 ATE D . -7.83 -16.84 -6.59
C10 ATE D . -5.71 -17.04 -8.15
C19 ATE D . -6.57 -17.08 -9.48
C9 ATE D . -5.36 -15.52 -7.94
C11 ATE D . -4.53 -14.85 -9.08
C8 ATE D . -6.70 -14.73 -7.58
C7 ATE D . -7.53 -15.35 -6.44
C14 ATE D . -6.37 -13.22 -7.36
C15 ATE D . -7.43 -12.20 -6.97
C13 ATE D . -5.52 -12.55 -8.49
C12 ATE D . -4.25 -13.34 -8.87
C18 ATE D . -6.33 -12.32 -9.82
C17 ATE D . -5.50 -11.18 -7.82
C16 ATE D . -6.54 -10.98 -6.97
#